data_3ASH
#
_entry.id   3ASH
#
_cell.length_a   74.143
_cell.length_b   77.477
_cell.length_c   101.811
_cell.angle_alpha   90.000
_cell.angle_beta   90.000
_cell.angle_gamma   90.000
#
_symmetry.space_group_name_H-M   'P 21 21 21'
#
loop_
_entity.id
_entity.type
_entity.pdbx_description
1 polymer MamA
2 non-polymer 'SULFATE ION'
3 water water
#
_entity_poly.entity_id   1
_entity_poly.type   'polypeptide(L)'
_entity_poly.pdbx_seq_one_letter_code
;MGNDDIRQVYYRDKGISHAKAGRYSQAVMLLEQVYDADAFDVDVALHLGIAYVKTGAVDRGTELLERSLADAPDNVKVAT
VLGLTYVQVQKYDLAVPLLIKVAEANPINFNVRFRLGVALKNLGRFDEAIDSFKIALGLRPNEGKVHRAIAFSYEQMGRH
EEALPHFKKANELDEGASVELALVPR
;
_entity_poly.pdbx_strand_id   A,B
#
loop_
_chem_comp.id
_chem_comp.type
_chem_comp.name
_chem_comp.formula
SO4 non-polymer 'SULFATE ION' 'O4 S -2'
#
# COMPACT_ATOMS: atom_id res chain seq x y z
N ASN A 3 15.74 16.26 34.46
CA ASN A 3 16.73 15.19 34.03
C ASN A 3 16.95 14.91 32.47
N ASP A 4 18.07 14.22 32.24
CA ASP A 4 18.36 13.61 30.96
C ASP A 4 17.35 12.48 30.56
N ASP A 5 16.77 11.68 31.47
CA ASP A 5 15.83 10.57 31.03
C ASP A 5 14.63 11.03 30.13
N ILE A 6 14.10 12.18 30.45
CA ILE A 6 13.05 12.75 29.65
C ILE A 6 13.63 13.38 28.34
N ARG A 7 14.80 13.96 28.44
CA ARG A 7 15.53 14.43 27.28
C ARG A 7 15.83 13.27 26.31
N GLN A 8 16.39 12.19 26.87
CA GLN A 8 16.62 10.94 26.20
C GLN A 8 15.35 10.45 25.46
N VAL A 9 14.19 10.42 26.13
CA VAL A 9 12.96 10.01 25.47
C VAL A 9 12.67 10.89 24.22
N TYR A 10 13.01 12.16 24.32
CA TYR A 10 12.79 13.11 23.24
C TYR A 10 13.72 12.85 22.01
N TYR A 11 15.00 12.60 22.26
CA TYR A 11 15.98 12.24 21.21
C TYR A 11 15.58 10.93 20.53
N ARG A 12 15.11 9.99 21.33
CA ARG A 12 14.72 8.69 20.81
C ARG A 12 13.59 8.83 19.82
N ASP A 13 12.50 9.49 20.23
CA ASP A 13 11.34 9.55 19.38
C ASP A 13 11.58 10.46 18.14
N LYS A 14 12.28 11.55 18.31
CA LYS A 14 12.65 12.42 17.21
C LYS A 14 13.60 11.70 16.21
N GLY A 15 14.54 10.95 16.76
CA GLY A 15 15.41 10.12 15.94
C GLY A 15 14.64 9.14 15.07
N ILE A 16 13.71 8.42 15.71
CA ILE A 16 12.90 7.38 15.05
C ILE A 16 12.06 8.05 14.02
N SER A 17 11.57 9.21 14.34
CA SER A 17 10.80 9.92 13.38
C SER A 17 11.62 10.50 12.17
N HIS A 18 12.88 10.81 12.38
CA HIS A 18 13.73 11.20 11.29
C HIS A 18 13.95 10.00 10.35
N ALA A 19 14.23 8.86 10.95
CA ALA A 19 14.41 7.63 10.21
C ALA A 19 13.22 7.30 9.34
N LYS A 20 12.03 7.44 9.88
CA LYS A 20 10.82 7.07 9.17
C LYS A 20 10.57 8.01 8.02
N ALA A 21 10.93 9.28 8.18
CA ALA A 21 10.77 10.28 7.10
C ALA A 21 11.92 10.19 6.07
N GLY A 22 12.90 9.32 6.26
CA GLY A 22 14.00 9.31 5.32
C GLY A 22 15.12 10.35 5.60
N ARG A 23 15.09 10.96 6.78
CA ARG A 23 16.16 11.87 7.22
C ARG A 23 17.25 11.06 7.90
N TYR A 24 17.98 10.31 7.11
CA TYR A 24 18.78 9.24 7.71
C TYR A 24 19.99 9.74 8.50
N SER A 25 20.64 10.80 8.04
CA SER A 25 21.83 11.37 8.72
C SER A 25 21.46 11.92 10.10
N GLN A 26 20.34 12.65 10.13
CA GLN A 26 19.79 13.14 11.34
C GLN A 26 19.34 12.06 12.28
N ALA A 27 18.81 10.99 11.76
CA ALA A 27 18.48 9.84 12.59
C ALA A 27 19.75 9.21 13.23
N VAL A 28 20.80 9.04 12.44
CA VAL A 28 22.05 8.52 13.00
C VAL A 28 22.54 9.46 14.09
N MET A 29 22.47 10.76 13.85
CA MET A 29 23.02 11.67 14.82
C MET A 29 22.25 11.55 16.14
N LEU A 30 20.91 11.50 16.08
CA LEU A 30 20.11 11.43 17.30
C LEU A 30 20.19 10.04 18.01
N LEU A 31 19.93 8.96 17.25
CA LEU A 31 19.89 7.61 17.75
C LEU A 31 21.24 7.03 18.24
N GLU A 32 22.37 7.45 17.72
CA GLU A 32 23.65 7.05 18.37
C GLU A 32 23.74 7.45 19.84
N GLN A 33 23.00 8.48 20.23
CA GLN A 33 23.08 9.05 21.61
C GLN A 33 22.12 8.31 22.53
N VAL A 34 21.24 7.50 21.96
CA VAL A 34 20.29 6.80 22.77
C VAL A 34 20.51 5.34 22.73
N TYR A 35 21.02 4.79 21.61
CA TYR A 35 21.13 3.34 21.50
C TYR A 35 21.99 2.80 22.63
N ASP A 36 21.60 1.68 23.23
CA ASP A 36 22.35 1.03 24.36
C ASP A 36 22.25 -0.49 24.24
N ALA A 37 23.36 -1.12 23.87
CA ALA A 37 23.42 -2.55 23.62
C ALA A 37 23.11 -3.47 24.85
N ASP A 38 23.33 -3.02 26.08
CA ASP A 38 22.84 -3.78 27.27
C ASP A 38 21.66 -3.07 27.97
N ALA A 39 20.83 -2.43 27.15
CA ALA A 39 19.45 -2.04 27.48
C ALA A 39 18.75 -1.93 26.10
N PHE A 40 18.62 -3.09 25.45
CA PHE A 40 18.31 -3.20 24.02
C PHE A 40 16.84 -2.86 23.68
N ASP A 41 16.65 -1.86 22.79
CA ASP A 41 15.32 -1.37 22.45
C ASP A 41 15.19 -1.57 20.95
N VAL A 42 14.32 -2.47 20.54
CA VAL A 42 14.34 -2.92 19.17
C VAL A 42 13.96 -1.78 18.18
N ASP A 43 13.08 -0.86 18.56
CA ASP A 43 12.65 0.22 17.69
C ASP A 43 13.77 1.23 17.41
N VAL A 44 14.58 1.51 18.41
CA VAL A 44 15.80 2.28 18.23
C VAL A 44 16.77 1.49 17.39
N ALA A 45 16.97 0.22 17.71
CA ALA A 45 17.97 -0.60 16.95
C ALA A 45 17.62 -0.69 15.46
N LEU A 46 16.37 -0.90 15.18
CA LEU A 46 15.96 -1.09 13.81
C LEU A 46 16.02 0.19 12.99
N HIS A 47 15.62 1.30 13.58
CA HIS A 47 15.72 2.60 12.95
C HIS A 47 17.18 3.11 12.85
N LEU A 48 18.03 2.85 13.82
CA LEU A 48 19.42 3.29 13.72
C LEU A 48 20.07 2.38 12.70
N GLY A 49 19.66 1.11 12.72
CA GLY A 49 20.25 0.14 11.79
C GLY A 49 20.04 0.50 10.34
N ILE A 50 18.83 0.86 9.97
CA ILE A 50 18.63 1.20 8.61
C ILE A 50 19.30 2.54 8.28
N ALA A 51 19.40 3.41 9.27
CA ALA A 51 20.03 4.71 9.02
C ALA A 51 21.50 4.52 8.79
N TYR A 52 22.10 3.57 9.50
CA TYR A 52 23.52 3.28 9.25
C TYR A 52 23.65 2.72 7.86
N VAL A 53 22.78 1.81 7.45
CA VAL A 53 23.00 1.19 6.14
C VAL A 53 22.93 2.31 5.09
N LYS A 54 21.97 3.22 5.27
CA LYS A 54 21.73 4.26 4.26
C LYS A 54 22.83 5.29 4.19
N THR A 55 23.45 5.58 5.34
CA THR A 55 24.57 6.57 5.39
C THR A 55 25.92 5.90 5.16
N GLY A 56 25.89 4.67 4.68
CA GLY A 56 27.11 4.00 4.22
C GLY A 56 27.78 3.06 5.22
N ALA A 57 27.28 3.02 6.47
CA ALA A 57 27.85 2.14 7.48
C ALA A 57 27.09 0.82 7.41
N VAL A 58 27.30 0.11 6.30
CA VAL A 58 26.51 -1.04 5.89
C VAL A 58 26.74 -2.24 6.85
N ASP A 59 28.01 -2.56 7.17
CA ASP A 59 28.31 -3.68 8.10
C ASP A 59 27.76 -3.34 9.48
N ARG A 60 27.95 -2.12 9.95
CA ARG A 60 27.56 -1.82 11.31
C ARG A 60 26.02 -1.91 11.39
N GLY A 61 25.32 -1.45 10.36
CA GLY A 61 23.89 -1.50 10.34
C GLY A 61 23.29 -2.87 10.16
N THR A 62 23.85 -3.67 9.23
CA THR A 62 23.40 -5.02 9.04
C THR A 62 23.46 -5.72 10.43
N GLU A 63 24.55 -5.56 11.15
CA GLU A 63 24.71 -6.23 12.42
C GLU A 63 23.66 -5.79 13.40
N LEU A 64 23.25 -4.51 13.43
CA LEU A 64 22.17 -4.12 14.31
C LEU A 64 20.83 -4.70 13.89
N LEU A 65 20.66 -4.77 12.59
CA LEU A 65 19.45 -5.34 12.04
C LEU A 65 19.41 -6.83 12.39
N GLU A 66 20.53 -7.48 12.33
CA GLU A 66 20.57 -8.92 12.68
C GLU A 66 20.31 -9.16 14.14
N ARG A 67 20.84 -8.31 15.01
CA ARG A 67 20.51 -8.43 16.44
C ARG A 67 19.04 -8.15 16.66
N SER A 68 18.49 -7.19 15.92
CA SER A 68 17.05 -6.91 16.06
C SER A 68 16.24 -8.14 15.68
N LEU A 69 16.68 -8.82 14.61
CA LEU A 69 15.98 -10.04 14.20
C LEU A 69 16.03 -11.11 15.28
N ALA A 70 17.19 -11.26 15.92
CA ALA A 70 17.30 -12.22 17.04
C ALA A 70 16.38 -11.84 18.22
N ASP A 71 16.28 -10.57 18.53
CA ASP A 71 15.46 -10.12 19.65
C ASP A 71 13.94 -10.15 19.33
N ALA A 72 13.55 -9.89 18.09
CA ALA A 72 12.12 -9.74 17.74
C ALA A 72 11.81 -10.51 16.42
N PRO A 73 11.76 -11.83 16.48
CA PRO A 73 11.61 -12.70 15.31
C PRO A 73 10.33 -12.52 14.49
N ASP A 74 9.31 -11.88 15.06
CA ASP A 74 8.03 -11.66 14.37
C ASP A 74 7.82 -10.20 13.97
N ASN A 75 8.78 -9.34 14.30
CA ASN A 75 8.63 -7.95 13.95
C ASN A 75 8.74 -7.71 12.42
N VAL A 76 7.66 -7.25 11.81
CA VAL A 76 7.57 -7.03 10.39
C VAL A 76 8.41 -5.82 9.96
N LYS A 77 8.56 -4.83 10.81
CA LYS A 77 9.40 -3.70 10.42
C LYS A 77 10.85 -4.13 10.31
N VAL A 78 11.31 -5.01 11.18
CA VAL A 78 12.70 -5.46 11.12
C VAL A 78 12.86 -6.31 9.90
N ALA A 79 11.90 -7.20 9.67
CA ALA A 79 12.04 -8.09 8.52
C ALA A 79 12.01 -7.25 7.25
N THR A 80 11.40 -6.10 7.30
CA THR A 80 11.37 -5.24 6.11
C THR A 80 12.73 -4.67 5.85
N VAL A 81 13.31 -4.00 6.82
CA VAL A 81 14.56 -3.29 6.57
C VAL A 81 15.70 -4.27 6.38
N LEU A 82 15.67 -5.40 7.12
CA LEU A 82 16.74 -6.36 6.96
C LEU A 82 16.59 -7.09 5.64
N GLY A 83 15.39 -7.51 5.31
CA GLY A 83 15.18 -8.10 4.00
C GLY A 83 15.63 -7.25 2.83
N LEU A 84 15.26 -5.97 2.82
CA LEU A 84 15.68 -5.11 1.73
C LEU A 84 17.18 -4.81 1.78
N THR A 85 17.75 -4.73 2.97
CA THR A 85 19.19 -4.58 3.04
C THR A 85 19.86 -5.86 2.45
N TYR A 86 19.39 -7.06 2.76
CA TYR A 86 20.05 -8.23 2.19
C TYR A 86 20.00 -8.25 0.70
N VAL A 87 18.90 -7.78 0.14
CA VAL A 87 18.88 -7.64 -1.31
C VAL A 87 19.87 -6.59 -1.81
N GLN A 88 19.97 -5.45 -1.14
CA GLN A 88 20.94 -4.46 -1.52
C GLN A 88 22.34 -5.05 -1.48
N VAL A 89 22.67 -5.94 -0.52
CA VAL A 89 24.08 -6.44 -0.51
C VAL A 89 24.25 -7.80 -1.18
N GLN A 90 23.20 -8.26 -1.86
CA GLN A 90 23.23 -9.47 -2.68
C GLN A 90 23.20 -10.81 -1.89
N LYS A 91 22.67 -10.75 -0.66
CA LYS A 91 22.42 -11.97 0.10
C LYS A 91 20.98 -12.39 -0.12
N TYR A 92 20.76 -12.92 -1.31
CA TYR A 92 19.44 -13.15 -1.82
C TYR A 92 18.73 -14.27 -1.06
N ASP A 93 19.54 -15.30 -0.78
CA ASP A 93 19.30 -16.42 0.11
CA ASP A 93 19.07 -16.44 0.00
C ASP A 93 18.53 -15.98 1.35
N LEU A 94 19.16 -15.02 2.03
CA LEU A 94 18.72 -14.58 3.32
C LEU A 94 17.53 -13.60 3.21
N ALA A 95 17.44 -12.86 2.11
CA ALA A 95 16.32 -11.95 1.89
C ALA A 95 14.97 -12.65 1.69
N VAL A 96 14.96 -13.78 1.00
CA VAL A 96 13.65 -14.35 0.54
C VAL A 96 12.65 -14.59 1.65
N PRO A 97 13.01 -15.33 2.68
CA PRO A 97 12.04 -15.61 3.80
C PRO A 97 11.48 -14.33 4.43
N LEU A 98 12.38 -13.34 4.57
CA LEU A 98 12.03 -12.16 5.24
C LEU A 98 11.04 -11.35 4.41
N LEU A 99 11.27 -11.26 3.09
CA LEU A 99 10.42 -10.45 2.25
C LEU A 99 9.09 -11.16 1.97
N ILE A 100 9.09 -12.49 1.91
CA ILE A 100 7.84 -13.19 1.83
C ILE A 100 6.90 -12.79 3.00
N LYS A 101 7.44 -12.75 4.23
CA LYS A 101 6.63 -12.54 5.41
C LYS A 101 6.09 -11.12 5.35
N VAL A 102 6.92 -10.17 4.94
CA VAL A 102 6.48 -8.78 4.87
C VAL A 102 5.39 -8.61 3.79
N ALA A 103 5.54 -9.32 2.65
CA ALA A 103 4.58 -9.19 1.55
C ALA A 103 3.18 -9.78 1.94
N GLU A 104 3.21 -10.90 2.65
CA GLU A 104 2.02 -11.46 3.22
C GLU A 104 1.37 -10.44 4.17
N ALA A 105 2.15 -9.72 5.01
CA ALA A 105 1.56 -8.71 5.92
C ALA A 105 1.14 -7.36 5.30
N ASN A 106 1.88 -6.87 4.27
CA ASN A 106 1.61 -5.62 3.56
CA ASN A 106 1.48 -5.61 3.51
C ASN A 106 1.47 -5.86 2.01
N PRO A 107 0.35 -6.40 1.54
CA PRO A 107 0.25 -6.77 0.15
C PRO A 107 0.23 -5.63 -0.89
N ILE A 108 0.13 -4.37 -0.49
CA ILE A 108 0.29 -3.31 -1.49
C ILE A 108 1.61 -2.58 -1.31
N ASN A 109 2.60 -3.23 -0.66
CA ASN A 109 3.94 -2.63 -0.58
C ASN A 109 4.61 -3.11 -1.85
N PHE A 110 4.70 -2.21 -2.80
CA PHE A 110 5.21 -2.53 -4.12
C PHE A 110 6.69 -2.89 -4.07
N ASN A 111 7.47 -2.03 -3.42
CA ASN A 111 8.91 -2.23 -3.39
C ASN A 111 9.29 -3.54 -2.82
N VAL A 112 8.61 -3.99 -1.77
CA VAL A 112 8.93 -5.28 -1.16
C VAL A 112 8.65 -6.38 -2.16
N ARG A 113 7.51 -6.30 -2.83
CA ARG A 113 7.15 -7.33 -3.77
C ARG A 113 8.16 -7.41 -4.90
N PHE A 114 8.56 -6.24 -5.41
CA PHE A 114 9.52 -6.18 -6.50
C PHE A 114 10.89 -6.77 -6.11
N ARG A 115 11.43 -6.34 -4.95
CA ARG A 115 12.72 -6.83 -4.45
C ARG A 115 12.64 -8.33 -4.17
N LEU A 116 11.53 -8.82 -3.73
CA LEU A 116 11.38 -10.32 -3.61
C LEU A 116 11.53 -10.97 -4.98
N GLY A 117 10.82 -10.45 -5.95
CA GLY A 117 10.95 -10.94 -7.32
C GLY A 117 12.41 -10.87 -7.77
N VAL A 118 13.11 -9.77 -7.47
CA VAL A 118 14.50 -9.65 -7.87
C VAL A 118 15.43 -10.71 -7.24
N ALA A 119 15.26 -10.94 -5.95
CA ALA A 119 15.99 -11.96 -5.21
C ALA A 119 15.78 -13.37 -5.80
N LEU A 120 14.53 -13.72 -6.07
CA LEU A 120 14.15 -15.02 -6.64
C LEU A 120 14.82 -15.17 -8.02
N LYS A 121 14.74 -14.12 -8.82
CA LYS A 121 15.33 -14.14 -10.14
C LYS A 121 16.82 -14.44 -10.09
N ASN A 122 17.52 -13.75 -9.21
CA ASN A 122 18.97 -13.88 -9.12
C ASN A 122 19.37 -15.22 -8.53
N LEU A 123 18.46 -15.87 -7.81
CA LEU A 123 18.63 -17.27 -7.38
C LEU A 123 18.18 -18.28 -8.45
N GLY A 124 17.71 -17.84 -9.62
CA GLY A 124 17.35 -18.83 -10.66
C GLY A 124 15.95 -19.44 -10.40
N ARG A 125 15.17 -18.84 -9.50
CA ARG A 125 13.84 -19.33 -9.25
C ARG A 125 12.82 -18.52 -10.05
N PHE A 126 12.86 -18.74 -11.34
CA PHE A 126 12.20 -17.87 -12.27
C PHE A 126 10.68 -17.95 -12.17
N ASP A 127 10.10 -19.14 -11.90
CA ASP A 127 8.58 -19.24 -11.84
C ASP A 127 8.05 -18.48 -10.66
N GLU A 128 8.77 -18.62 -9.55
CA GLU A 128 8.43 -17.84 -8.33
C GLU A 128 8.59 -16.32 -8.58
N ALA A 129 9.65 -15.99 -9.30
CA ALA A 129 9.98 -14.61 -9.63
C ALA A 129 8.83 -14.01 -10.46
N ILE A 130 8.50 -14.71 -11.54
CA ILE A 130 7.39 -14.33 -12.37
C ILE A 130 6.09 -14.08 -11.55
N ASP A 131 5.76 -15.02 -10.66
CA ASP A 131 4.56 -14.86 -9.80
C ASP A 131 4.61 -13.50 -9.09
N SER A 132 5.74 -13.17 -8.47
CA SER A 132 5.87 -11.95 -7.70
C SER A 132 5.84 -10.71 -8.62
N PHE A 133 6.44 -10.86 -9.80
CA PHE A 133 6.40 -9.76 -10.75
C PHE A 133 4.98 -9.51 -11.22
N LYS A 134 4.16 -10.53 -11.40
CA LYS A 134 2.75 -10.24 -11.84
C LYS A 134 2.01 -9.47 -10.71
N ILE A 135 2.30 -9.81 -9.48
CA ILE A 135 1.65 -9.06 -8.38
C ILE A 135 2.18 -7.62 -8.41
N ALA A 136 3.46 -7.46 -8.72
CA ALA A 136 4.03 -6.12 -8.70
C ALA A 136 3.38 -5.29 -9.77
N LEU A 137 3.13 -5.89 -10.96
CA LEU A 137 2.43 -5.17 -12.06
C LEU A 137 0.93 -4.88 -11.82
N GLY A 138 0.24 -5.79 -11.17
CA GLY A 138 -1.08 -5.42 -10.64
C GLY A 138 -1.02 -4.17 -9.75
N LEU A 139 0.01 -4.00 -8.91
CA LEU A 139 0.14 -2.78 -8.11
C LEU A 139 0.47 -1.52 -8.96
N ARG A 140 1.46 -1.64 -9.82
CA ARG A 140 1.91 -0.54 -10.73
C ARG A 140 2.09 -1.04 -12.19
N PRO A 141 0.98 -1.01 -12.98
CA PRO A 141 0.97 -1.61 -14.32
C PRO A 141 1.94 -0.97 -15.30
N ASN A 142 2.39 0.26 -15.01
CA ASN A 142 3.34 0.96 -15.88
C ASN A 142 4.79 1.10 -15.33
N GLU A 143 5.18 0.21 -14.43
CA GLU A 143 6.58 0.19 -14.02
C GLU A 143 7.40 -0.59 -15.07
N GLY A 144 8.18 0.16 -15.87
CA GLY A 144 9.11 -0.37 -16.87
C GLY A 144 10.05 -1.41 -16.31
N LYS A 145 10.65 -1.13 -15.17
CA LYS A 145 11.65 -2.06 -14.58
C LYS A 145 11.02 -3.43 -14.27
N VAL A 146 9.75 -3.48 -13.94
CA VAL A 146 9.15 -4.80 -13.74
C VAL A 146 8.86 -5.61 -15.05
N HIS A 147 8.41 -4.91 -16.08
CA HIS A 147 8.25 -5.51 -17.38
C HIS A 147 9.60 -6.02 -17.86
N ARG A 148 10.69 -5.29 -17.63
CA ARG A 148 11.99 -5.77 -18.10
C ARG A 148 12.35 -7.04 -17.30
N ALA A 149 12.21 -7.01 -15.98
CA ALA A 149 12.62 -8.18 -15.16
C ALA A 149 11.79 -9.40 -15.46
N ILE A 150 10.49 -9.23 -15.64
CA ILE A 150 9.64 -10.40 -15.87
C ILE A 150 9.91 -10.95 -17.29
N ALA A 151 10.24 -10.06 -18.22
CA ALA A 151 10.52 -10.48 -19.59
C ALA A 151 11.76 -11.34 -19.56
N PHE A 152 12.79 -10.86 -18.90
CA PHE A 152 14.04 -11.61 -18.79
C PHE A 152 13.78 -13.00 -18.16
N SER A 153 12.93 -13.06 -17.14
CA SER A 153 12.69 -14.29 -16.41
C SER A 153 11.96 -15.28 -17.28
N TYR A 154 10.96 -14.81 -18.00
CA TYR A 154 10.24 -15.70 -18.92
C TYR A 154 11.23 -16.17 -20.02
N GLU A 155 12.06 -15.28 -20.55
CA GLU A 155 13.08 -15.68 -21.53
C GLU A 155 14.01 -16.75 -21.01
N GLN A 156 14.48 -16.62 -19.80
CA GLN A 156 15.38 -17.63 -19.21
C GLN A 156 14.82 -19.07 -19.14
N MET A 157 13.51 -19.15 -19.04
CA MET A 157 12.78 -20.39 -19.03
C MET A 157 12.33 -20.86 -20.42
N GLY A 158 12.75 -20.19 -21.51
CA GLY A 158 12.25 -20.53 -22.85
C GLY A 158 10.80 -20.10 -23.11
N ARG A 159 10.22 -19.20 -22.31
CA ARG A 159 8.82 -18.84 -22.50
C ARG A 159 8.73 -17.51 -23.26
N HIS A 160 9.10 -17.59 -24.52
CA HIS A 160 9.33 -16.46 -25.36
C HIS A 160 8.00 -15.83 -25.71
N GLU A 161 7.00 -16.66 -25.90
CA GLU A 161 5.70 -16.13 -26.23
C GLU A 161 5.19 -15.20 -25.13
N GLU A 162 5.35 -15.63 -23.89
CA GLU A 162 4.96 -14.81 -22.79
C GLU A 162 5.88 -13.57 -22.55
N ALA A 163 7.14 -13.67 -22.94
CA ALA A 163 8.11 -12.58 -22.75
C ALA A 163 7.76 -11.43 -23.65
N LEU A 164 7.37 -11.76 -24.87
CA LEU A 164 7.41 -10.77 -25.95
C LEU A 164 6.60 -9.50 -25.63
N PRO A 165 5.32 -9.60 -25.17
CA PRO A 165 4.58 -8.31 -24.89
C PRO A 165 5.19 -7.51 -23.73
N HIS A 166 5.82 -8.21 -22.78
CA HIS A 166 6.52 -7.52 -21.72
C HIS A 166 7.74 -6.80 -22.26
N PHE A 167 8.47 -7.38 -23.21
CA PHE A 167 9.62 -6.61 -23.75
C PHE A 167 9.08 -5.41 -24.52
N LYS A 168 7.94 -5.58 -25.18
CA LYS A 168 7.34 -4.49 -26.01
C LYS A 168 6.93 -3.37 -25.07
N LYS A 169 6.30 -3.72 -23.95
CA LYS A 169 5.90 -2.72 -22.96
C LYS A 169 7.08 -1.99 -22.33
N ALA A 170 8.14 -2.70 -21.95
CA ALA A 170 9.32 -2.01 -21.40
C ALA A 170 9.91 -1.02 -22.43
N ASN A 171 9.81 -1.35 -23.69
CA ASN A 171 10.33 -0.47 -24.68
C ASN A 171 9.36 0.73 -24.89
N GLU A 172 8.04 0.51 -24.76
CA GLU A 172 7.02 1.59 -24.83
C GLU A 172 7.24 2.62 -23.72
N LEU A 173 7.52 2.13 -22.52
CA LEU A 173 7.73 2.96 -21.35
C LEU A 173 9.23 3.28 -21.17
N ASP A 174 9.89 3.76 -22.22
CA ASP A 174 11.36 3.90 -22.24
C ASP A 174 11.81 5.11 -23.07
N ASN B 3 -29.44 -20.16 22.07
CA ASN B 3 -28.07 -20.80 22.23
C ASN B 3 -27.01 -19.71 22.56
N ASP B 4 -25.76 -20.17 22.79
CA ASP B 4 -24.56 -19.29 22.74
C ASP B 4 -24.14 -19.07 21.27
N ASP B 5 -23.93 -20.15 20.51
CA ASP B 5 -23.34 -20.02 19.16
C ASP B 5 -24.36 -19.59 18.07
N ILE B 6 -25.61 -19.98 18.25
CA ILE B 6 -26.71 -19.58 17.40
C ILE B 6 -27.10 -18.13 17.68
N ARG B 7 -27.00 -17.74 18.93
CA ARG B 7 -27.10 -16.34 19.36
C ARG B 7 -26.01 -15.52 18.70
N GLN B 8 -24.77 -16.00 18.79
CA GLN B 8 -23.67 -15.33 18.12
C GLN B 8 -23.78 -15.31 16.59
N VAL B 9 -24.39 -16.33 15.96
CA VAL B 9 -24.57 -16.28 14.51
C VAL B 9 -25.53 -15.12 14.21
N TYR B 10 -26.54 -14.95 15.02
CA TYR B 10 -27.48 -13.89 14.78
C TYR B 10 -26.79 -12.54 14.93
N TYR B 11 -26.02 -12.28 16.00
CA TYR B 11 -25.42 -10.94 16.17
C TYR B 11 -24.46 -10.62 15.02
N ARG B 12 -23.73 -11.63 14.53
CA ARG B 12 -22.84 -11.49 13.41
C ARG B 12 -23.58 -11.12 12.14
N ASP B 13 -24.65 -11.85 11.82
CA ASP B 13 -25.31 -11.65 10.53
C ASP B 13 -26.13 -10.36 10.55
N LYS B 14 -26.70 -10.07 11.69
CA LYS B 14 -27.44 -8.87 11.87
C LYS B 14 -26.57 -7.60 11.93
N GLY B 15 -25.44 -7.68 12.62
CA GLY B 15 -24.43 -6.62 12.53
C GLY B 15 -24.03 -6.29 11.10
N ILE B 16 -23.72 -7.33 10.32
CA ILE B 16 -23.20 -7.16 8.95
C ILE B 16 -24.31 -6.60 8.12
N SER B 17 -25.53 -7.04 8.40
CA SER B 17 -26.68 -6.50 7.68
C SER B 17 -26.96 -5.03 8.01
N HIS B 18 -26.69 -4.61 9.24
CA HIS B 18 -26.86 -3.20 9.56
C HIS B 18 -25.84 -2.40 8.72
N ALA B 19 -24.60 -2.89 8.60
CA ALA B 19 -23.56 -2.17 7.85
C ALA B 19 -23.88 -2.09 6.37
N LYS B 20 -24.42 -3.17 5.78
CA LYS B 20 -24.92 -3.10 4.39
C LYS B 20 -26.05 -2.11 4.16
N ALA B 21 -26.92 -1.89 5.16
CA ALA B 21 -28.05 -0.97 5.02
C ALA B 21 -27.71 0.50 5.41
N GLY B 22 -26.47 0.80 5.77
CA GLY B 22 -26.10 2.15 6.21
C GLY B 22 -26.47 2.47 7.66
N ARG B 23 -26.79 1.44 8.43
CA ARG B 23 -27.10 1.63 9.85
C ARG B 23 -25.78 1.38 10.59
N TYR B 24 -24.87 2.34 10.46
CA TYR B 24 -23.50 2.19 10.87
C TYR B 24 -23.35 2.16 12.37
N SER B 25 -24.09 2.99 13.09
CA SER B 25 -23.98 2.96 14.55
C SER B 25 -24.39 1.60 15.10
N GLN B 26 -25.48 1.04 14.60
CA GLN B 26 -25.96 -0.26 15.06
C GLN B 26 -25.01 -1.37 14.62
N ALA B 27 -24.32 -1.16 13.52
CA ALA B 27 -23.31 -2.11 13.13
C ALA B 27 -22.19 -2.14 14.15
N VAL B 28 -21.68 -0.99 14.52
CA VAL B 28 -20.62 -0.96 15.54
C VAL B 28 -21.03 -1.70 16.81
N MET B 29 -22.23 -1.39 17.27
CA MET B 29 -22.64 -1.89 18.57
C MET B 29 -22.73 -3.39 18.55
N LEU B 30 -23.25 -3.96 17.44
CA LEU B 30 -23.39 -5.39 17.33
C LEU B 30 -22.05 -6.02 17.02
N LEU B 31 -21.29 -5.47 16.06
CA LEU B 31 -20.09 -6.21 15.63
C LEU B 31 -18.94 -6.14 16.61
N GLU B 32 -18.86 -5.10 17.41
CA GLU B 32 -17.90 -5.06 18.52
C GLU B 32 -18.05 -6.25 19.47
N GLN B 33 -19.21 -6.88 19.54
CA GLN B 33 -19.43 -7.96 20.49
C GLN B 33 -19.08 -9.32 19.89
N VAL B 34 -18.79 -9.34 18.62
CA VAL B 34 -18.52 -10.58 17.92
C VAL B 34 -17.09 -10.60 17.38
N TYR B 35 -16.55 -9.43 17.06
CA TYR B 35 -15.17 -9.33 16.59
C TYR B 35 -14.17 -9.87 17.62
N ASP B 36 -13.23 -10.66 17.10
CA ASP B 36 -12.22 -11.36 17.90
C ASP B 36 -10.96 -11.37 17.04
N ALA B 37 -9.91 -10.64 17.44
CA ALA B 37 -8.65 -10.61 16.63
C ALA B 37 -7.94 -11.97 16.62
N ASP B 38 -8.21 -12.80 17.64
CA ASP B 38 -7.72 -14.20 17.76
C ASP B 38 -8.54 -15.28 17.00
N ALA B 39 -9.73 -14.92 16.51
CA ALA B 39 -10.50 -15.80 15.57
C ALA B 39 -10.98 -14.91 14.42
N PHE B 40 -10.02 -14.57 13.58
CA PHE B 40 -10.19 -13.49 12.63
C PHE B 40 -11.20 -13.84 11.56
N ASP B 41 -12.29 -13.08 11.50
CA ASP B 41 -13.39 -13.33 10.53
C ASP B 41 -13.45 -12.10 9.62
N VAL B 42 -13.12 -12.29 8.36
CA VAL B 42 -12.94 -11.19 7.44
C VAL B 42 -14.23 -10.40 7.10
N ASP B 43 -15.33 -11.08 6.96
CA ASP B 43 -16.59 -10.41 6.68
C ASP B 43 -17.02 -9.50 7.86
N VAL B 44 -16.78 -9.94 9.07
CA VAL B 44 -17.01 -9.10 10.25
C VAL B 44 -16.05 -7.94 10.32
N ALA B 45 -14.78 -8.20 10.06
CA ALA B 45 -13.74 -7.14 10.14
C ALA B 45 -13.98 -6.08 9.06
N LEU B 46 -14.44 -6.52 7.93
CA LEU B 46 -14.73 -5.65 6.87
C LEU B 46 -15.83 -4.73 7.29
N HIS B 47 -16.90 -5.28 7.81
CA HIS B 47 -18.07 -4.43 8.04
C HIS B 47 -17.90 -3.64 9.33
N LEU B 48 -17.18 -4.14 10.33
CA LEU B 48 -16.95 -3.28 11.49
C LEU B 48 -16.03 -2.17 11.08
N GLY B 49 -15.06 -2.48 10.23
CA GLY B 49 -14.14 -1.45 9.69
C GLY B 49 -14.89 -0.32 8.99
N ILE B 50 -15.81 -0.69 8.10
CA ILE B 50 -16.63 0.27 7.42
C ILE B 50 -17.37 1.13 8.48
N ALA B 51 -17.93 0.46 9.50
CA ALA B 51 -18.75 1.17 10.49
C ALA B 51 -17.93 2.09 11.37
N TYR B 52 -16.74 1.67 11.76
CA TYR B 52 -15.83 2.59 12.49
C TYR B 52 -15.49 3.83 11.68
N VAL B 53 -15.12 3.64 10.42
CA VAL B 53 -14.75 4.76 9.58
C VAL B 53 -15.93 5.71 9.48
N LYS B 54 -17.10 5.15 9.16
CA LYS B 54 -18.30 5.99 8.99
C LYS B 54 -18.71 6.73 10.30
N THR B 55 -18.41 6.16 11.47
CA THR B 55 -18.80 6.78 12.73
C THR B 55 -17.65 7.54 13.34
N GLY B 56 -16.63 7.81 12.54
CA GLY B 56 -15.53 8.72 12.93
C GLY B 56 -14.32 8.11 13.59
N ALA B 57 -14.42 6.81 13.92
CA ALA B 57 -13.21 6.11 14.40
C ALA B 57 -12.36 5.64 13.18
N VAL B 58 -11.73 6.60 12.52
CA VAL B 58 -11.08 6.38 11.25
C VAL B 58 -9.82 5.53 11.30
N ASP B 59 -8.98 5.74 12.30
CA ASP B 59 -7.73 4.98 12.42
C ASP B 59 -7.98 3.53 12.84
N ARG B 60 -8.90 3.36 13.77
CA ARG B 60 -9.32 2.05 14.18
C ARG B 60 -9.94 1.26 12.99
N GLY B 61 -10.77 1.90 12.21
CA GLY B 61 -11.42 1.25 11.08
C GLY B 61 -10.46 0.96 9.93
N THR B 62 -9.59 1.91 9.62
CA THR B 62 -8.51 1.71 8.64
C THR B 62 -7.67 0.52 9.02
N GLU B 63 -7.34 0.42 10.30
CA GLU B 63 -6.54 -0.69 10.82
C GLU B 63 -7.19 -2.01 10.62
N LEU B 64 -8.48 -2.14 10.94
CA LEU B 64 -9.19 -3.39 10.64
C LEU B 64 -9.25 -3.65 9.15
N LEU B 65 -9.50 -2.64 8.35
CA LEU B 65 -9.53 -2.88 6.90
C LEU B 65 -8.15 -3.33 6.34
N GLU B 66 -7.06 -2.78 6.84
CA GLU B 66 -5.72 -3.24 6.44
C GLU B 66 -5.52 -4.71 6.88
N ARG B 67 -5.93 -5.10 8.10
CA ARG B 67 -5.83 -6.51 8.55
C ARG B 67 -6.65 -7.38 7.60
N SER B 68 -7.82 -6.92 7.22
CA SER B 68 -8.65 -7.67 6.29
C SER B 68 -8.02 -7.89 4.92
N LEU B 69 -7.32 -6.85 4.45
CA LEU B 69 -6.65 -6.91 3.14
C LEU B 69 -5.52 -7.95 3.21
N ALA B 70 -4.76 -7.91 4.31
CA ALA B 70 -3.68 -8.87 4.48
C ALA B 70 -4.26 -10.29 4.49
N ASP B 71 -5.40 -10.49 5.14
CA ASP B 71 -5.98 -11.82 5.27
C ASP B 71 -6.60 -12.25 3.94
N ALA B 72 -7.09 -11.27 3.17
CA ALA B 72 -7.73 -11.57 1.86
C ALA B 72 -7.34 -10.50 0.81
N PRO B 73 -6.13 -10.57 0.29
CA PRO B 73 -5.60 -9.57 -0.63
C PRO B 73 -6.34 -9.40 -1.99
N ASP B 74 -7.14 -10.38 -2.41
CA ASP B 74 -7.90 -10.32 -3.65
C ASP B 74 -9.38 -9.98 -3.39
N ASN B 75 -9.75 -9.69 -2.17
CA ASN B 75 -11.15 -9.30 -1.90
C ASN B 75 -11.50 -7.90 -2.38
N VAL B 76 -12.37 -7.85 -3.34
CA VAL B 76 -12.67 -6.56 -4.00
C VAL B 76 -13.36 -5.51 -3.08
N LYS B 77 -14.20 -5.96 -2.16
CA LYS B 77 -14.94 -5.06 -1.29
C LYS B 77 -14.00 -4.50 -0.27
N VAL B 78 -13.12 -5.32 0.25
CA VAL B 78 -12.13 -4.73 1.16
C VAL B 78 -11.31 -3.63 0.45
N ALA B 79 -10.87 -3.92 -0.75
CA ALA B 79 -10.02 -2.96 -1.50
C ALA B 79 -10.78 -1.70 -1.87
N THR B 80 -12.06 -1.85 -2.16
CA THR B 80 -12.92 -0.70 -2.43
C THR B 80 -13.02 0.21 -1.23
N VAL B 81 -13.39 -0.34 -0.09
CA VAL B 81 -13.68 0.52 1.06
C VAL B 81 -12.36 1.14 1.61
N LEU B 82 -11.28 0.36 1.56
CA LEU B 82 -9.98 0.84 2.05
C LEU B 82 -9.42 1.88 1.10
N GLY B 83 -9.50 1.66 -0.20
CA GLY B 83 -9.10 2.75 -1.11
C GLY B 83 -9.93 4.04 -1.10
N LEU B 84 -11.24 3.91 -0.99
CA LEU B 84 -12.10 5.15 -0.83
C LEU B 84 -11.80 5.83 0.53
N THR B 85 -11.53 5.05 1.58
CA THR B 85 -11.13 5.66 2.82
C THR B 85 -9.81 6.41 2.66
N TYR B 86 -8.80 5.79 2.06
CA TYR B 86 -7.55 6.49 1.89
C TYR B 86 -7.73 7.78 1.12
N VAL B 87 -8.59 7.81 0.11
CA VAL B 87 -8.85 9.06 -0.58
C VAL B 87 -9.46 10.10 0.34
N GLN B 88 -10.37 9.66 1.22
CA GLN B 88 -10.98 10.53 2.25
C GLN B 88 -9.90 11.16 3.15
N VAL B 89 -8.93 10.36 3.60
CA VAL B 89 -7.92 10.87 4.55
C VAL B 89 -6.74 11.45 3.75
N GLN B 90 -6.87 11.57 2.43
CA GLN B 90 -5.81 12.14 1.59
C GLN B 90 -4.52 11.32 1.55
N LYS B 91 -4.62 10.01 1.73
CA LYS B 91 -3.45 9.13 1.46
C LYS B 91 -3.55 8.66 0.02
N TYR B 92 -3.43 9.61 -0.87
CA TYR B 92 -3.66 9.39 -2.27
C TYR B 92 -2.71 8.35 -2.84
N ASP B 93 -1.46 8.31 -2.39
CA ASP B 93 -0.48 7.29 -2.83
C ASP B 93 -0.94 5.89 -2.55
N LEU B 94 -1.50 5.66 -1.37
CA LEU B 94 -1.99 4.33 -1.07
C LEU B 94 -3.30 4.03 -1.77
N ALA B 95 -4.09 5.05 -2.09
CA ALA B 95 -5.40 4.77 -2.69
C ALA B 95 -5.26 4.27 -4.11
N VAL B 96 -4.28 4.81 -4.86
CA VAL B 96 -4.22 4.53 -6.30
C VAL B 96 -4.24 3.04 -6.61
N PRO B 97 -3.34 2.27 -5.99
CA PRO B 97 -3.30 0.88 -6.41
C PRO B 97 -4.53 0.14 -6.06
N LEU B 98 -5.17 0.48 -4.95
CA LEU B 98 -6.35 -0.25 -4.59
C LEU B 98 -7.47 0.08 -5.62
N LEU B 99 -7.56 1.35 -6.00
CA LEU B 99 -8.66 1.74 -6.89
C LEU B 99 -8.40 1.28 -8.30
N ILE B 100 -7.13 1.29 -8.72
CA ILE B 100 -6.83 0.70 -10.02
C ILE B 100 -7.38 -0.73 -10.11
N LYS B 101 -7.12 -1.51 -9.10
CA LYS B 101 -7.58 -2.93 -9.13
C LYS B 101 -9.13 -3.03 -9.09
N VAL B 102 -9.79 -2.22 -8.26
CA VAL B 102 -11.26 -2.25 -8.14
C VAL B 102 -11.89 -1.78 -9.43
N ALA B 103 -11.27 -0.78 -10.04
CA ALA B 103 -11.75 -0.25 -11.32
C ALA B 103 -11.67 -1.28 -12.46
N GLU B 104 -10.58 -2.02 -12.54
CA GLU B 104 -10.45 -3.16 -13.43
C GLU B 104 -11.48 -4.23 -13.16
N ALA B 105 -11.75 -4.54 -11.90
CA ALA B 105 -12.76 -5.58 -11.63
C ALA B 105 -14.23 -5.09 -11.73
N ASN B 106 -14.53 -3.81 -11.52
CA ASN B 106 -15.92 -3.26 -11.56
C ASN B 106 -15.92 -2.04 -12.46
N PRO B 107 -15.77 -2.26 -13.74
CA PRO B 107 -15.48 -1.16 -14.65
C PRO B 107 -16.60 -0.14 -14.82
N ILE B 108 -17.83 -0.43 -14.40
CA ILE B 108 -18.91 0.58 -14.48
C ILE B 108 -19.25 1.19 -13.09
N ASN B 109 -18.40 0.93 -12.06
CA ASN B 109 -18.52 1.66 -10.80
C ASN B 109 -17.98 3.10 -10.91
N PHE B 110 -18.92 4.04 -10.98
CA PHE B 110 -18.62 5.47 -11.21
C PHE B 110 -17.78 6.14 -10.10
N ASN B 111 -18.19 5.96 -8.89
CA ASN B 111 -17.50 6.61 -7.81
C ASN B 111 -16.04 6.14 -7.76
N VAL B 112 -15.78 4.83 -7.93
CA VAL B 112 -14.43 4.36 -7.80
C VAL B 112 -13.61 5.02 -8.89
N ARG B 113 -14.13 5.12 -10.07
CA ARG B 113 -13.38 5.68 -11.15
C ARG B 113 -13.10 7.15 -10.94
N PHE B 114 -14.08 7.88 -10.40
CA PHE B 114 -13.95 9.33 -10.11
C PHE B 114 -12.97 9.52 -9.00
N ARG B 115 -13.02 8.73 -7.95
CA ARG B 115 -12.11 8.96 -6.85
C ARG B 115 -10.69 8.57 -7.25
N LEU B 116 -10.55 7.54 -8.06
CA LEU B 116 -9.24 7.26 -8.68
C LEU B 116 -8.72 8.51 -9.40
N GLY B 117 -9.55 9.11 -10.25
CA GLY B 117 -9.13 10.35 -10.96
C GLY B 117 -8.71 11.42 -9.92
N VAL B 118 -9.53 11.62 -8.91
CA VAL B 118 -9.19 12.63 -7.95
C VAL B 118 -7.84 12.34 -7.32
N ALA B 119 -7.56 11.11 -6.99
CA ALA B 119 -6.30 10.80 -6.32
C ALA B 119 -5.09 11.04 -7.25
N LEU B 120 -5.22 10.71 -8.53
CA LEU B 120 -4.14 10.91 -9.48
C LEU B 120 -3.89 12.37 -9.66
N LYS B 121 -5.00 13.13 -9.74
CA LYS B 121 -4.95 14.58 -9.89
C LYS B 121 -4.20 15.24 -8.74
N ASN B 122 -4.49 14.84 -7.51
CA ASN B 122 -3.84 15.40 -6.31
C ASN B 122 -2.38 14.96 -6.15
N LEU B 123 -2.00 13.86 -6.81
CA LEU B 123 -0.60 13.47 -6.90
C LEU B 123 0.12 14.19 -8.05
N GLY B 124 -0.55 15.04 -8.83
CA GLY B 124 0.13 15.68 -9.99
C GLY B 124 0.17 14.79 -11.22
N ARG B 125 -0.54 13.66 -11.23
CA ARG B 125 -0.51 12.72 -12.38
C ARG B 125 -1.66 12.99 -13.35
N PHE B 126 -1.56 14.13 -14.02
CA PHE B 126 -2.72 14.71 -14.60
C PHE B 126 -3.17 13.90 -15.83
N ASP B 127 -2.20 13.40 -16.55
CA ASP B 127 -2.55 12.65 -17.74
C ASP B 127 -3.34 11.38 -17.43
N GLU B 128 -2.96 10.68 -16.37
CA GLU B 128 -3.68 9.51 -15.92
C GLU B 128 -5.09 9.89 -15.36
N ALA B 129 -5.15 11.07 -14.75
CA ALA B 129 -6.35 11.60 -14.16
C ALA B 129 -7.34 11.85 -15.25
N ILE B 130 -6.91 12.59 -16.26
CA ILE B 130 -7.72 12.81 -17.48
C ILE B 130 -8.30 11.50 -18.04
N ASP B 131 -7.46 10.51 -18.27
CA ASP B 131 -7.95 9.19 -18.72
C ASP B 131 -9.04 8.64 -17.81
N SER B 132 -8.89 8.69 -16.51
CA SER B 132 -9.93 8.21 -15.62
C SER B 132 -11.16 9.07 -15.65
N PHE B 133 -10.97 10.38 -15.69
CA PHE B 133 -12.14 11.25 -15.67
C PHE B 133 -12.92 11.02 -16.94
N LYS B 134 -12.27 10.70 -18.05
CA LYS B 134 -13.05 10.50 -19.27
C LYS B 134 -13.84 9.22 -19.17
N ILE B 135 -13.32 8.21 -18.52
CA ILE B 135 -14.10 7.00 -18.39
C ILE B 135 -15.34 7.33 -17.50
N ALA B 136 -15.15 8.16 -16.46
CA ALA B 136 -16.23 8.56 -15.62
C ALA B 136 -17.29 9.30 -16.39
N LEU B 137 -16.88 10.21 -17.24
CA LEU B 137 -17.88 11.00 -17.94
C LEU B 137 -18.61 10.12 -18.95
N GLY B 138 -18.01 9.07 -19.44
CA GLY B 138 -18.76 8.21 -20.33
C GLY B 138 -19.86 7.42 -19.56
N LEU B 139 -19.71 7.27 -18.25
CA LEU B 139 -20.77 6.67 -17.44
C LEU B 139 -21.80 7.74 -17.07
N ARG B 140 -21.34 8.94 -16.71
CA ARG B 140 -22.24 10.04 -16.31
C ARG B 140 -21.84 11.35 -16.98
N PRO B 141 -22.34 11.59 -18.21
CA PRO B 141 -21.88 12.73 -18.96
C PRO B 141 -22.22 14.06 -18.36
N ASN B 142 -23.19 14.14 -17.46
CA ASN B 142 -23.62 15.42 -16.92
C ASN B 142 -23.30 15.59 -15.46
N GLU B 143 -22.19 15.02 -15.05
CA GLU B 143 -21.78 15.16 -13.68
C GLU B 143 -20.80 16.30 -13.61
N GLY B 144 -21.27 17.45 -13.14
CA GLY B 144 -20.47 18.64 -13.05
C GLY B 144 -19.11 18.52 -12.34
N LYS B 145 -19.11 17.85 -11.23
CA LYS B 145 -17.94 17.48 -10.45
C LYS B 145 -16.82 17.03 -11.41
N VAL B 146 -17.17 16.21 -12.38
CA VAL B 146 -16.15 15.59 -13.18
C VAL B 146 -15.63 16.56 -14.24
N HIS B 147 -16.51 17.39 -14.79
CA HIS B 147 -16.11 18.39 -15.76
C HIS B 147 -15.18 19.42 -15.11
N ARG B 148 -15.43 19.76 -13.86
CA ARG B 148 -14.59 20.69 -13.10
C ARG B 148 -13.18 20.12 -12.82
N ALA B 149 -13.13 18.84 -12.48
CA ALA B 149 -11.87 18.16 -12.18
C ALA B 149 -11.03 17.90 -13.47
N ILE B 150 -11.68 17.50 -14.56
CA ILE B 150 -10.95 17.26 -15.79
C ILE B 150 -10.54 18.55 -16.44
N ALA B 151 -11.33 19.62 -16.30
CA ALA B 151 -10.94 20.92 -16.82
C ALA B 151 -9.66 21.44 -16.12
N PHE B 152 -9.64 21.38 -14.80
CA PHE B 152 -8.43 21.73 -14.08
C PHE B 152 -7.24 20.85 -14.57
N SER B 153 -7.42 19.54 -14.68
CA SER B 153 -6.29 18.70 -15.01
C SER B 153 -5.72 19.08 -16.40
N TYR B 154 -6.60 19.27 -17.36
CA TYR B 154 -6.11 19.69 -18.67
C TYR B 154 -5.35 21.02 -18.62
N GLU B 155 -5.95 22.00 -17.98
CA GLU B 155 -5.34 23.27 -17.84
C GLU B 155 -3.93 23.11 -17.19
N GLN B 156 -3.81 22.27 -16.16
CA GLN B 156 -2.49 22.09 -15.54
C GLN B 156 -1.42 21.60 -16.51
N MET B 157 -1.85 20.96 -17.60
CA MET B 157 -1.01 20.47 -18.66
CA MET B 157 -0.95 20.51 -18.62
C MET B 157 -0.84 21.47 -19.83
N GLY B 158 -1.43 22.64 -19.76
CA GLY B 158 -1.36 23.56 -20.91
C GLY B 158 -2.31 23.21 -22.06
N ARG B 159 -3.31 22.36 -21.82
CA ARG B 159 -4.22 21.88 -22.85
C ARG B 159 -5.53 22.64 -22.79
N HIS B 160 -5.41 23.92 -23.09
CA HIS B 160 -6.44 24.88 -22.84
C HIS B 160 -7.58 24.67 -23.81
N GLU B 161 -7.26 24.19 -24.99
CA GLU B 161 -8.24 23.89 -26.01
C GLU B 161 -9.19 22.78 -25.54
N GLU B 162 -8.64 21.80 -24.84
CA GLU B 162 -9.44 20.68 -24.40
C GLU B 162 -10.20 21.01 -23.13
N ALA B 163 -9.63 21.89 -22.31
CA ALA B 163 -10.24 22.33 -21.05
C ALA B 163 -11.52 23.13 -21.24
N LEU B 164 -11.50 24.03 -22.20
CA LEU B 164 -12.49 25.08 -22.29
C LEU B 164 -13.90 24.52 -22.29
N PRO B 165 -14.19 23.56 -23.20
CA PRO B 165 -15.58 23.05 -23.21
C PRO B 165 -16.00 22.43 -21.88
N HIS B 166 -15.04 21.95 -21.12
CA HIS B 166 -15.34 21.35 -19.85
C HIS B 166 -15.59 22.42 -18.81
N PHE B 167 -14.83 23.51 -18.81
CA PHE B 167 -15.19 24.63 -17.94
C PHE B 167 -16.59 25.17 -18.29
N LYS B 168 -16.93 25.16 -19.58
CA LYS B 168 -18.27 25.66 -20.00
C LYS B 168 -19.36 24.69 -19.54
N LYS B 169 -19.11 23.40 -19.62
CA LYS B 169 -20.15 22.48 -19.26
C LYS B 169 -20.33 22.53 -17.75
N ALA B 170 -19.27 22.58 -16.97
CA ALA B 170 -19.40 22.69 -15.51
C ALA B 170 -20.24 23.94 -15.10
N ASN B 171 -19.96 25.06 -15.73
CA ASN B 171 -20.62 26.25 -15.37
C ASN B 171 -22.10 26.12 -15.74
N GLU B 172 -22.39 25.43 -16.83
CA GLU B 172 -23.76 25.22 -17.26
C GLU B 172 -24.56 24.36 -16.24
N LEU B 173 -23.93 23.35 -15.64
CA LEU B 173 -24.59 22.44 -14.71
C LEU B 173 -24.79 22.95 -13.26
N ASP B 174 -24.05 23.97 -12.83
CA ASP B 174 -24.33 24.65 -11.52
C ASP B 174 -25.80 25.08 -11.31
S SO4 C . 17.04 0.71 -7.71
O1 SO4 C . 18.00 -0.42 -7.76
O2 SO4 C . 16.93 1.19 -6.32
O3 SO4 C . 17.57 1.82 -8.52
O4 SO4 C . 15.71 0.31 -8.27
S SO4 D . 9.37 2.93 -4.32
O1 SO4 D . 10.58 2.45 -3.60
O2 SO4 D . 9.46 4.39 -4.46
O3 SO4 D . 9.36 2.30 -5.66
O4 SO4 D . 8.13 2.61 -3.54
S SO4 E . 30.75 -0.05 8.51
O1 SO4 E . 31.76 -1.10 8.78
O2 SO4 E . 31.01 1.08 9.43
O3 SO4 E . 30.93 0.37 7.10
O4 SO4 E . 29.40 -0.54 8.73
S SO4 F . -22.29 7.99 -6.13
O1 SO4 F . -22.58 6.79 -7.00
O2 SO4 F . -21.32 7.62 -5.09
O3 SO4 F . -21.75 9.14 -6.86
O4 SO4 F . -23.49 8.35 -5.37
S SO4 G . -18.24 14.87 -3.83
O1 SO4 G . -17.28 14.45 -4.85
O2 SO4 G . -18.95 16.06 -4.29
O3 SO4 G . -19.22 13.82 -3.53
O4 SO4 G . -17.47 15.17 -2.61
S SO4 H . 0.55 27.68 -21.86
O1 SO4 H . 1.74 26.88 -21.56
O2 SO4 H . 0.94 28.88 -22.63
O3 SO4 H . -0.34 26.85 -22.67
O4 SO4 H . -0.08 28.05 -20.59
S SO4 I . -9.80 6.59 15.80
O1 SO4 I . -9.91 5.14 15.94
O2 SO4 I . -8.51 7.02 16.38
O3 SO4 I . -9.75 7.04 14.40
O4 SO4 I . -10.87 7.30 16.53
#